data_1XQP
#
_entry.id   1XQP
#
_cell.length_a   72.220
_cell.length_b   98.110
_cell.length_c   36.170
_cell.angle_alpha   90.00
_cell.angle_beta   90.00
_cell.angle_gamma   90.00
#
_symmetry.space_group_name_H-M   'P 21 21 2'
#
loop_
_entity.id
_entity.type
_entity.pdbx_description
1 polymer '8-oxoguanine DNA glycosylase'
2 non-polymer "2'-DEOXY-8-OXOGUANOSINE"
3 water water
#
_entity_poly.entity_id   1
_entity_poly.type   'polypeptide(L)'
_entity_poly.pdbx_seq_one_letter_code
;MAAESQLKRVIETLRRLGIEEVLKLERRDPQYRAVCNVVKRHGETVGSRLAMLNALISYRLTGKGEEHWEYFGKYFSQLE
VIDLCRDFLKYIETSPFLKIGVEARKKRALKACDYVPNLEDLGLTLRQLSHIVGARREQKTLVFTIKILNYAYMCSRGVN
RVLPFDIPIPVDYRVARLTWCAGLIDFPPEEALRRYEAVQKIWDAVARETGIPPLHLDTLLWLAGRAVLYGENLHGVPKE
VIALFQWRGGCRPPSE
;
_entity_poly.pdbx_strand_id   A
#
# COMPACT_ATOMS: atom_id res chain seq x y z
N ALA A 3 -14.17 -4.13 -21.62
CA ALA A 3 -14.04 -3.92 -20.15
C ALA A 3 -14.69 -5.05 -19.34
N GLU A 4 -15.80 -5.58 -19.86
CA GLU A 4 -16.46 -6.78 -19.32
C GLU A 4 -15.65 -8.02 -19.69
N SER A 5 -15.19 -8.05 -20.94
CA SER A 5 -14.33 -9.13 -21.43
C SER A 5 -12.96 -9.10 -20.74
N GLN A 6 -12.41 -7.89 -20.57
CA GLN A 6 -11.17 -7.71 -19.80
C GLN A 6 -11.36 -8.09 -18.33
N LEU A 7 -12.48 -7.66 -17.76
CA LEU A 7 -12.81 -8.03 -16.38
C LEU A 7 -12.83 -9.55 -16.19
N LYS A 8 -13.41 -10.28 -17.13
CA LYS A 8 -13.44 -11.75 -17.05
C LYS A 8 -12.03 -12.34 -17.15
N ARG A 9 -11.22 -11.84 -18.08
CA ARG A 9 -9.84 -12.30 -18.23
C ARG A 9 -9.03 -12.10 -16.92
N VAL A 10 -9.16 -10.92 -16.31
CA VAL A 10 -8.46 -10.63 -15.07
C VAL A 10 -8.90 -11.59 -13.96
N ILE A 11 -10.21 -11.75 -13.80
CA ILE A 11 -10.71 -12.69 -12.77
C ILE A 11 -10.16 -14.14 -12.96
N GLU A 12 -10.24 -14.67 -14.18
CA GLU A 12 -9.92 -16.08 -14.44
C GLU A 12 -8.39 -16.31 -14.44
N THR A 13 -7.61 -15.25 -14.64
CA THR A 13 -6.14 -15.33 -14.48
C THR A 13 -5.69 -15.31 -13.01
N LEU A 14 -6.18 -14.35 -12.22
CA LEU A 14 -5.86 -14.28 -10.79
C LEU A 14 -6.45 -15.47 -9.99
N ARG A 15 -7.53 -16.04 -10.50
CA ARG A 15 -8.09 -17.28 -9.91
C ARG A 15 -7.05 -18.41 -9.88
N ARG A 16 -6.06 -18.37 -10.77
CA ARG A 16 -4.96 -19.35 -10.80
C ARG A 16 -4.10 -19.35 -9.51
N LEU A 17 -4.03 -18.18 -8.87
CA LEU A 17 -3.31 -17.98 -7.62
C LEU A 17 -4.28 -18.15 -6.45
N GLY A 18 -3.97 -19.03 -5.53
CA GLY A 18 -4.75 -19.05 -4.30
C GLY A 18 -4.45 -17.80 -3.47
N ILE A 19 -5.23 -17.55 -2.41
CA ILE A 19 -4.87 -16.53 -1.42
C ILE A 19 -3.55 -16.92 -0.70
N GLU A 20 -3.30 -18.23 -0.53
CA GLU A 20 -2.04 -18.66 0.11
C GLU A 20 -0.81 -18.19 -0.69
N GLU A 21 -0.84 -18.40 -2.00
CA GLU A 21 0.24 -17.94 -2.90
C GLU A 21 0.42 -16.42 -2.85
N VAL A 22 -0.71 -15.67 -2.85
CA VAL A 22 -0.65 -14.21 -2.74
C VAL A 22 0.01 -13.75 -1.43
N LEU A 23 -0.38 -14.37 -0.31
CA LEU A 23 0.28 -14.05 0.96
C LEU A 23 1.79 -14.31 0.92
N LYS A 24 2.20 -15.38 0.26
CA LYS A 24 3.62 -15.70 0.12
C LYS A 24 4.35 -14.65 -0.73
N LEU A 25 3.72 -14.32 -1.86
CA LEU A 25 4.27 -13.31 -2.80
C LEU A 25 4.45 -11.98 -2.09
N GLU A 26 3.49 -11.66 -1.25
CA GLU A 26 3.43 -10.42 -0.51
C GLU A 26 4.57 -10.24 0.51
N ARG A 27 5.09 -11.34 1.06
CA ARG A 27 6.28 -11.31 1.95
C ARG A 27 7.59 -10.81 1.28
N ARG A 28 7.61 -10.79 -0.06
CA ARG A 28 8.74 -10.30 -0.85
C ARG A 28 8.59 -8.84 -1.24
N ASP A 29 7.47 -8.20 -0.90
CA ASP A 29 7.39 -6.75 -1.12
C ASP A 29 8.54 -6.07 -0.35
N PRO A 30 9.39 -5.28 -1.02
CA PRO A 30 10.47 -4.57 -0.31
C PRO A 30 10.00 -3.73 0.86
N GLN A 31 8.78 -3.21 0.78
CA GLN A 31 8.12 -2.49 1.87
C GLN A 31 7.86 -3.36 3.14
N TYR A 32 7.51 -4.63 2.95
CA TYR A 32 7.31 -5.55 4.06
C TYR A 32 8.62 -5.69 4.85
N ARG A 33 9.73 -5.90 4.13
CA ARG A 33 11.05 -6.03 4.75
C ARG A 33 11.47 -4.79 5.59
N ALA A 34 11.26 -3.59 5.04
CA ALA A 34 11.56 -2.34 5.74
C ALA A 34 10.75 -2.23 7.05
N VAL A 35 9.44 -2.46 6.94
CA VAL A 35 8.56 -2.39 8.09
C VAL A 35 8.99 -3.42 9.17
N CYS A 36 9.33 -4.65 8.72
CA CYS A 36 9.71 -5.75 9.59
C CYS A 36 11.06 -5.47 10.29
N ASN A 37 12.01 -4.86 9.57
CA ASN A 37 13.28 -4.43 10.20
C ASN A 37 13.04 -3.42 11.34
N VAL A 38 12.11 -2.48 11.14
CA VAL A 38 11.77 -1.48 12.17
C VAL A 38 11.06 -2.12 13.39
N VAL A 39 10.10 -3.00 13.12
CA VAL A 39 9.43 -3.78 14.20
C VAL A 39 10.39 -4.69 15.01
N LYS A 40 11.31 -5.36 14.34
CA LYS A 40 12.28 -6.19 15.03
C LYS A 40 13.14 -5.32 15.96
N ARG A 41 13.48 -4.11 15.51
CA ARG A 41 14.33 -3.21 16.29
C ARG A 41 13.62 -2.62 17.49
N HIS A 42 12.40 -2.14 17.29
CA HIS A 42 11.69 -1.32 18.27
C HIS A 42 10.55 -1.99 19.01
N GLY A 43 10.19 -3.21 18.62
CA GLY A 43 9.05 -3.90 19.20
C GLY A 43 7.74 -3.54 18.52
N GLU A 44 6.69 -4.27 18.88
CA GLU A 44 5.42 -4.18 18.20
C GLU A 44 4.76 -2.81 18.32
N THR A 45 4.68 -2.27 19.53
CA THR A 45 3.95 -1.02 19.73
C THR A 45 4.68 0.18 19.05
N VAL A 46 5.97 0.39 19.38
CA VAL A 46 6.71 1.52 18.80
C VAL A 46 6.90 1.37 17.29
N GLY A 47 7.33 0.18 16.85
CA GLY A 47 7.49 -0.12 15.42
C GLY A 47 6.21 0.09 14.60
N SER A 48 5.07 -0.36 15.15
CA SER A 48 3.80 -0.19 14.43
C SER A 48 3.37 1.27 14.36
N ARG A 49 3.62 2.05 15.42
CA ARG A 49 3.38 3.50 15.41
C ARG A 49 4.23 4.21 14.35
N LEU A 50 5.52 3.88 14.27
CA LEU A 50 6.44 4.50 13.28
C LEU A 50 5.97 4.19 11.85
N ALA A 51 5.63 2.92 11.61
CA ALA A 51 5.16 2.47 10.31
C ALA A 51 3.85 3.17 9.94
N MET A 52 2.95 3.31 10.92
CA MET A 52 1.66 4.00 10.71
C MET A 52 1.84 5.45 10.24
N LEU A 53 2.67 6.18 10.99
CA LEU A 53 3.00 7.56 10.68
C LEU A 53 3.61 7.70 9.29
N ASN A 54 4.54 6.79 8.95
CA ASN A 54 5.15 6.80 7.61
C ASN A 54 4.09 6.62 6.49
N ALA A 55 3.14 5.70 6.67
CA ALA A 55 2.08 5.44 5.68
C ALA A 55 1.17 6.69 5.50
N LEU A 56 0.84 7.32 6.62
CA LEU A 56 -0.04 8.50 6.64
C LEU A 56 0.56 9.70 5.85
N ILE A 57 1.89 9.78 5.72
CA ILE A 57 2.51 10.85 4.92
C ILE A 57 3.21 10.34 3.65
N SER A 58 2.80 9.17 3.15
CA SER A 58 3.45 8.58 1.97
C SER A 58 2.71 9.08 0.71
N TYR A 59 2.90 10.35 0.39
CA TYR A 59 2.24 11.03 -0.74
C TYR A 59 3.14 12.14 -1.30
N ARG A 60 2.92 12.52 -2.57
CA ARG A 60 3.76 13.54 -3.22
C ARG A 60 5.26 13.33 -2.98
N LEU A 61 5.71 12.13 -3.31
CA LEU A 61 7.10 11.74 -3.13
C LEU A 61 7.91 12.20 -4.32
N THR A 62 9.21 12.33 -4.12
CA THR A 62 10.12 12.70 -5.19
C THR A 62 10.33 11.50 -6.15
N GLY A 63 10.61 10.32 -5.57
CA GLY A 63 10.82 9.08 -6.33
C GLY A 63 9.84 8.00 -5.96
N LYS A 64 10.21 6.74 -6.23
CA LYS A 64 9.36 5.54 -5.99
C LYS A 64 8.93 5.32 -4.54
N GLY A 65 7.67 4.91 -4.37
CA GLY A 65 7.17 4.35 -3.09
C GLY A 65 8.18 3.41 -2.44
N GLU A 66 8.66 2.41 -3.18
CA GLU A 66 9.60 1.39 -2.62
C GLU A 66 10.90 1.98 -2.07
N GLU A 67 11.45 2.99 -2.75
CA GLU A 67 12.70 3.63 -2.29
C GLU A 67 12.51 4.47 -1.00
N HIS A 68 11.34 5.09 -0.91
CA HIS A 68 10.94 5.87 0.27
C HIS A 68 10.87 4.94 1.51
N TRP A 69 10.25 3.78 1.33
CA TRP A 69 10.13 2.77 2.40
C TRP A 69 11.50 2.17 2.80
N GLU A 70 12.35 1.90 1.82
CA GLU A 70 13.72 1.45 2.11
C GLU A 70 14.49 2.49 2.99
N TYR A 71 14.38 3.78 2.66
CA TYR A 71 15.00 4.83 3.48
C TYR A 71 14.44 4.85 4.92
N PHE A 72 13.11 4.75 5.08
CA PHE A 72 12.47 4.66 6.38
C PHE A 72 13.05 3.51 7.23
N GLY A 73 13.20 2.34 6.60
CA GLY A 73 13.66 1.15 7.30
C GLY A 73 15.09 1.33 7.80
N LYS A 74 15.96 1.84 6.95
CA LYS A 74 17.35 2.07 7.31
C LYS A 74 17.51 3.14 8.39
N TYR A 75 16.68 4.20 8.31
CA TYR A 75 16.72 5.31 9.27
C TYR A 75 16.42 4.85 10.71
N PHE A 76 15.30 4.16 10.91
CA PHE A 76 14.81 3.75 12.24
C PHE A 76 15.43 2.45 12.75
N SER A 77 15.91 1.59 11.84
CA SER A 77 16.52 0.31 12.24
C SER A 77 17.84 0.45 13.02
N GLN A 78 18.51 1.60 12.86
CA GLN A 78 19.81 1.83 13.50
C GLN A 78 19.82 3.08 14.38
N LEU A 79 18.66 3.43 14.94
CA LEU A 79 18.51 4.62 15.74
C LEU A 79 17.64 4.34 16.94
N GLU A 80 18.07 4.76 18.12
CA GLU A 80 17.25 4.67 19.33
C GLU A 80 16.12 5.70 19.29
N VAL A 81 14.92 5.29 19.68
CA VAL A 81 13.73 6.16 19.68
C VAL A 81 13.28 6.42 21.13
N ILE A 82 13.17 7.69 21.50
CA ILE A 82 12.82 8.10 22.87
C ILE A 82 11.43 8.76 22.97
N ASP A 83 11.25 9.92 22.35
CA ASP A 83 9.89 10.49 22.19
C ASP A 83 9.46 10.34 20.75
N LEU A 84 8.40 9.58 20.57
CA LEU A 84 7.90 9.22 19.25
C LEU A 84 7.53 10.41 18.35
N CYS A 85 6.71 11.36 18.81
CA CYS A 85 6.40 12.56 18.02
C CYS A 85 7.63 13.34 17.57
N ARG A 86 8.45 13.72 18.55
CA ARG A 86 9.68 14.48 18.29
C ARG A 86 10.54 13.81 17.24
N ASP A 87 10.86 12.54 17.48
CA ASP A 87 11.77 11.77 16.63
C ASP A 87 11.20 11.65 15.21
N PHE A 88 9.89 11.39 15.11
CA PHE A 88 9.27 11.29 13.78
C PHE A 88 9.28 12.61 13.01
N LEU A 89 8.97 13.71 13.69
CA LEU A 89 9.02 15.01 13.03
C LEU A 89 10.45 15.38 12.58
N LYS A 90 11.45 15.01 13.38
CA LYS A 90 12.85 15.20 12.98
C LYS A 90 13.16 14.42 11.68
N TYR A 91 12.71 13.16 11.61
CA TYR A 91 12.85 12.32 10.40
C TYR A 91 12.18 12.95 9.18
N ILE A 92 10.99 13.51 9.36
CA ILE A 92 10.29 14.20 8.26
C ILE A 92 11.18 15.34 7.71
N GLU A 93 11.81 16.10 8.59
CA GLU A 93 12.66 17.23 8.18
C GLU A 93 13.95 16.79 7.46
N THR A 94 14.36 15.54 7.67
CA THR A 94 15.60 14.98 7.10
C THR A 94 15.42 14.29 5.74
N SER A 95 14.35 13.51 5.59
CA SER A 95 14.22 12.62 4.42
C SER A 95 14.11 13.35 3.07
N PRO A 96 14.94 12.95 2.09
CA PRO A 96 14.91 13.54 0.75
C PRO A 96 13.65 13.21 -0.04
N PHE A 97 12.91 12.20 0.40
CA PHE A 97 11.67 11.78 -0.25
C PHE A 97 10.48 12.66 0.15
N LEU A 98 10.64 13.39 1.27
CA LEU A 98 9.56 14.13 1.91
C LEU A 98 9.74 15.63 1.83
N LYS A 99 10.68 16.10 1.00
CA LYS A 99 11.02 17.53 1.00
C LYS A 99 9.89 18.44 0.52
N ILE A 100 9.00 17.94 -0.34
CA ILE A 100 7.83 18.72 -0.76
C ILE A 100 6.79 18.84 0.35
N GLY A 101 6.37 20.06 0.64
CA GLY A 101 5.28 20.31 1.59
C GLY A 101 5.53 19.76 2.97
N VAL A 102 6.71 20.04 3.51
CA VAL A 102 7.12 19.46 4.79
C VAL A 102 6.22 19.92 5.95
N GLU A 103 5.83 21.20 5.98
CA GLU A 103 4.99 21.69 7.11
C GLU A 103 3.61 21.03 7.15
N ALA A 104 2.99 20.82 6.01
CA ALA A 104 1.72 20.11 5.97
C ALA A 104 1.87 18.65 6.40
N ARG A 105 3.00 18.02 6.04
CA ARG A 105 3.31 16.67 6.51
C ARG A 105 3.40 16.60 8.03
N LYS A 106 4.18 17.53 8.61
CA LYS A 106 4.38 17.61 10.06
C LYS A 106 3.04 17.80 10.75
N LYS A 107 2.21 18.70 10.22
CA LYS A 107 0.85 18.92 10.74
C LYS A 107 0.00 17.64 10.75
N ARG A 108 -0.01 16.88 9.66
CA ARG A 108 -0.72 15.59 9.65
C ARG A 108 -0.16 14.65 10.69
N ALA A 109 1.17 14.53 10.75
CA ALA A 109 1.81 13.61 11.72
C ALA A 109 1.46 14.00 13.15
N LEU A 110 1.45 15.30 13.42
CA LEU A 110 1.09 15.79 14.75
C LEU A 110 -0.32 15.34 15.17
N LYS A 111 -1.29 15.30 14.24
CA LYS A 111 -2.64 14.83 14.61
C LYS A 111 -2.67 13.39 15.09
N ALA A 112 -1.86 12.52 14.51
CA ALA A 112 -1.86 11.07 14.80
C ALA A 112 -0.72 10.57 15.71
N CYS A 113 0.22 11.47 16.00
CA CYS A 113 1.29 11.27 16.93
C CYS A 113 1.16 10.38 18.16
N ASP A 114 0.13 10.67 18.95
CA ASP A 114 -0.10 10.03 20.24
C ASP A 114 -1.01 8.82 20.09
N TYR A 115 -1.51 8.58 18.88
CA TYR A 115 -2.49 7.50 18.64
C TYR A 115 -1.83 6.12 18.58
N VAL A 116 -2.34 5.16 19.36
CA VAL A 116 -1.86 3.78 19.34
C VAL A 116 -2.90 2.94 18.59
N PRO A 117 -2.53 2.39 17.43
CA PRO A 117 -3.45 1.55 16.63
C PRO A 117 -3.76 0.21 17.31
N ASN A 118 -4.97 -0.31 17.08
CA ASN A 118 -5.33 -1.64 17.56
C ASN A 118 -5.04 -2.68 16.46
N LEU A 119 -3.95 -3.43 16.62
CA LEU A 119 -3.51 -4.35 15.54
C LEU A 119 -4.42 -5.59 15.40
N GLU A 120 -5.19 -5.92 16.44
CA GLU A 120 -6.10 -7.08 16.38
C GLU A 120 -7.50 -6.76 15.82
N ASP A 121 -7.89 -5.48 15.81
CA ASP A 121 -9.13 -5.02 15.20
C ASP A 121 -8.84 -3.87 14.24
N LEU A 122 -8.44 -4.24 13.02
CA LEU A 122 -8.07 -3.23 12.00
C LEU A 122 -9.28 -2.44 11.47
N GLY A 123 -10.47 -3.02 11.50
CA GLY A 123 -11.70 -2.27 11.21
C GLY A 123 -12.01 -1.12 12.19
N LEU A 124 -11.88 -1.39 13.48
CA LEU A 124 -11.99 -0.36 14.51
C LEU A 124 -10.91 0.71 14.25
N THR A 125 -9.68 0.28 13.97
CA THR A 125 -8.57 1.22 13.75
C THR A 125 -8.86 2.13 12.54
N LEU A 126 -9.44 1.57 11.49
CA LEU A 126 -9.71 2.39 10.29
C LEU A 126 -10.73 3.51 10.62
N ARG A 127 -11.78 3.18 11.36
CA ARG A 127 -12.78 4.15 11.78
C ARG A 127 -12.15 5.26 12.65
N GLN A 128 -11.33 4.84 13.61
CA GLN A 128 -10.63 5.76 14.50
C GLN A 128 -9.70 6.72 13.69
N LEU A 129 -8.94 6.15 12.75
CA LEU A 129 -8.02 6.94 11.88
C LEU A 129 -8.77 7.96 11.02
N SER A 130 -9.90 7.55 10.45
CA SER A 130 -10.77 8.45 9.70
C SER A 130 -11.13 9.72 10.50
N HIS A 131 -11.44 9.57 11.79
CA HIS A 131 -11.74 10.72 12.65
C HIS A 131 -10.48 11.54 13.00
N ILE A 132 -9.39 10.87 13.33
CA ILE A 132 -8.17 11.56 13.79
C ILE A 132 -7.55 12.42 12.68
N VAL A 133 -7.41 11.80 11.52
CA VAL A 133 -6.85 12.42 10.31
C VAL A 133 -7.86 13.33 9.59
N GLY A 134 -9.15 13.00 9.70
CA GLY A 134 -10.20 13.79 9.07
C GLY A 134 -10.35 13.51 7.58
N ALA A 135 -10.68 12.27 7.25
CA ALA A 135 -10.88 11.84 5.86
C ALA A 135 -11.90 10.69 5.78
N ARG A 136 -12.51 10.54 4.62
CA ARG A 136 -13.43 9.43 4.38
C ARG A 136 -12.64 8.12 4.47
N ARG A 137 -13.28 7.09 5.04
CA ARG A 137 -12.60 5.83 5.32
C ARG A 137 -12.00 5.13 4.08
N GLU A 138 -12.59 5.38 2.91
CA GLU A 138 -12.12 4.81 1.65
C GLU A 138 -10.96 5.54 0.98
N GLN A 139 -10.53 6.67 1.56
CA GLN A 139 -9.46 7.49 0.97
C GLN A 139 -8.14 6.70 0.96
N LYS A 140 -7.35 6.89 -0.09
CA LYS A 140 -6.19 6.02 -0.38
C LYS A 140 -5.19 5.91 0.79
N THR A 141 -4.90 7.01 1.46
CA THR A 141 -3.86 6.96 2.47
C THR A 141 -4.36 6.19 3.69
N LEU A 142 -5.65 6.30 4.01
CA LEU A 142 -6.24 5.52 5.12
C LEU A 142 -6.18 4.00 4.89
N VAL A 143 -6.72 3.51 3.77
CA VAL A 143 -6.69 2.05 3.50
C VAL A 143 -5.26 1.48 3.32
N PHE A 144 -4.36 2.26 2.69
CA PHE A 144 -2.94 1.86 2.60
C PHE A 144 -2.28 1.69 4.02
N THR A 145 -2.60 2.63 4.92
CA THR A 145 -2.15 2.58 6.31
C THR A 145 -2.60 1.28 7.00
N ILE A 146 -3.82 0.81 6.73
CA ILE A 146 -4.30 -0.46 7.28
C ILE A 146 -3.44 -1.65 6.79
N LYS A 147 -3.13 -1.66 5.48
CA LYS A 147 -2.26 -2.67 4.87
C LYS A 147 -0.87 -2.68 5.55
N ILE A 148 -0.28 -1.49 5.72
CA ILE A 148 1.02 -1.37 6.47
C ILE A 148 0.94 -1.93 7.92
N LEU A 149 -0.14 -1.56 8.60
CA LEU A 149 -0.40 -2.12 9.94
C LEU A 149 -0.46 -3.66 9.95
N ASN A 150 -1.04 -4.25 8.90
CA ASN A 150 -1.07 -5.75 8.77
C ASN A 150 0.34 -6.32 8.62
N TYR A 151 1.16 -5.66 7.80
CA TYR A 151 2.56 -6.03 7.65
C TYR A 151 3.25 -6.07 9.06
N ALA A 152 3.04 -5.03 9.87
CA ALA A 152 3.68 -4.90 11.20
C ALA A 152 3.21 -6.03 12.14
N TYR A 153 1.92 -6.29 12.12
CA TYR A 153 1.31 -7.38 12.92
C TYR A 153 1.87 -8.77 12.52
N MET A 154 1.85 -9.07 11.22
CA MET A 154 2.34 -10.36 10.73
C MET A 154 3.84 -10.60 11.07
N CYS A 155 4.69 -9.59 10.84
CA CYS A 155 6.12 -9.59 11.22
C CYS A 155 6.31 -9.90 12.74
N SER A 156 5.65 -9.09 13.57
CA SER A 156 5.76 -9.15 15.01
C SER A 156 5.38 -10.54 15.52
N ARG A 157 4.25 -11.08 15.06
CA ARG A 157 3.69 -12.34 15.58
C ARG A 157 4.15 -13.59 14.83
N GLY A 158 4.71 -13.44 13.62
CA GLY A 158 5.12 -14.61 12.80
C GLY A 158 3.91 -15.40 12.35
N VAL A 159 2.90 -14.68 11.86
CA VAL A 159 1.61 -15.27 11.39
C VAL A 159 1.15 -14.67 10.06
N ASN A 160 0.29 -15.42 9.37
CA ASN A 160 -0.48 -14.87 8.25
C ASN A 160 -1.77 -14.32 8.82
N ARG A 161 -2.25 -13.24 8.22
CA ARG A 161 -3.63 -12.77 8.42
C ARG A 161 -4.24 -12.15 7.17
N VAL A 162 -5.37 -12.73 6.73
CA VAL A 162 -6.08 -12.27 5.55
C VAL A 162 -6.97 -11.09 5.94
N LEU A 163 -6.79 -9.97 5.24
CA LEU A 163 -7.54 -8.74 5.48
C LEU A 163 -9.03 -8.89 5.07
N PRO A 164 -9.93 -8.04 5.57
CA PRO A 164 -11.33 -8.15 5.21
C PRO A 164 -11.65 -7.72 3.79
N PHE A 165 -12.71 -8.33 3.24
CA PHE A 165 -13.22 -7.94 1.94
C PHE A 165 -13.78 -6.50 1.88
N ASP A 166 -14.25 -5.98 3.02
CA ASP A 166 -14.92 -4.69 3.05
C ASP A 166 -14.02 -3.44 3.24
N ILE A 167 -12.70 -3.61 3.19
CA ILE A 167 -11.75 -2.49 3.10
C ILE A 167 -11.19 -2.46 1.67
N PRO A 168 -11.50 -1.40 0.93
CA PRO A 168 -11.20 -1.36 -0.51
C PRO A 168 -9.75 -1.00 -0.83
N ILE A 169 -9.42 -1.11 -2.12
CA ILE A 169 -8.04 -0.88 -2.64
C ILE A 169 -7.64 0.63 -2.64
N PRO A 170 -6.37 0.94 -2.33
CA PRO A 170 -5.93 2.34 -2.37
C PRO A 170 -5.62 2.79 -3.81
N VAL A 171 -6.44 3.73 -4.33
CA VAL A 171 -6.36 4.20 -5.71
C VAL A 171 -5.38 5.37 -5.85
N ASP A 172 -4.11 5.02 -5.79
CA ASP A 172 -3.02 5.94 -6.13
C ASP A 172 -2.77 5.95 -7.65
N TYR A 173 -1.79 6.76 -8.07
CA TYR A 173 -1.52 6.93 -9.50
C TYR A 173 -1.02 5.63 -10.14
N ARG A 174 -0.30 4.78 -9.40
CA ARG A 174 0.10 3.48 -9.94
C ARG A 174 -1.12 2.55 -10.17
N VAL A 175 -1.96 2.40 -9.15
CA VAL A 175 -3.17 1.55 -9.25
C VAL A 175 -4.08 2.03 -10.40
N ALA A 176 -4.30 3.36 -10.50
CA ALA A 176 -5.12 4.00 -11.56
C ALA A 176 -4.57 3.70 -12.99
N ARG A 177 -3.27 3.91 -13.21
CA ARG A 177 -2.63 3.54 -14.46
C ARG A 177 -2.73 2.05 -14.83
N LEU A 178 -2.54 1.15 -13.85
CA LEU A 178 -2.56 -0.29 -14.11
C LEU A 178 -3.99 -0.73 -14.48
N THR A 179 -4.98 -0.12 -13.83
CA THR A 179 -6.41 -0.38 -14.09
C THR A 179 -6.75 -0.01 -15.53
N TRP A 180 -6.20 1.11 -15.95
CA TRP A 180 -6.32 1.62 -17.33
C TRP A 180 -5.57 0.73 -18.33
N CYS A 181 -4.34 0.36 -17.99
CA CYS A 181 -3.51 -0.55 -18.79
C CYS A 181 -4.14 -1.92 -19.04
N ALA A 182 -4.85 -2.46 -18.04
CA ALA A 182 -5.60 -3.74 -18.17
C ALA A 182 -6.94 -3.60 -18.95
N GLY A 183 -7.29 -2.37 -19.34
CA GLY A 183 -8.53 -2.11 -20.07
C GLY A 183 -9.83 -2.15 -19.27
N LEU A 184 -9.71 -2.04 -17.93
CA LEU A 184 -10.87 -2.13 -17.03
C LEU A 184 -11.70 -0.84 -16.93
N ILE A 185 -11.10 0.27 -17.37
CA ILE A 185 -11.74 1.60 -17.39
C ILE A 185 -11.47 2.32 -18.71
N ASP A 186 -12.46 3.08 -19.17
CA ASP A 186 -12.37 3.87 -20.42
C ASP A 186 -12.02 5.35 -20.22
N PHE A 187 -12.03 5.81 -18.98
CA PHE A 187 -11.63 7.19 -18.66
C PHE A 187 -10.15 7.19 -18.21
N PRO A 188 -9.44 8.32 -18.36
CA PRO A 188 -7.98 8.38 -18.06
C PRO A 188 -7.58 8.16 -16.58
N PRO A 189 -6.35 7.72 -16.30
CA PRO A 189 -5.94 7.46 -14.91
C PRO A 189 -5.99 8.68 -14.00
N GLU A 190 -5.80 9.87 -14.58
CA GLU A 190 -5.84 11.11 -13.82
C GLU A 190 -7.26 11.37 -13.31
N GLU A 191 -8.25 11.05 -14.13
CA GLU A 191 -9.68 11.14 -13.79
C GLU A 191 -10.03 10.06 -12.72
N ALA A 192 -9.50 8.86 -12.92
CA ALA A 192 -9.67 7.74 -11.96
C ALA A 192 -9.27 8.06 -10.50
N LEU A 193 -8.23 8.87 -10.33
CA LEU A 193 -7.83 9.34 -8.99
C LEU A 193 -8.97 10.07 -8.28
N ARG A 194 -9.71 10.87 -9.05
CA ARG A 194 -10.87 11.61 -8.54
C ARG A 194 -12.08 10.70 -8.39
N ARG A 195 -12.34 9.87 -9.39
CA ARG A 195 -13.43 8.88 -9.33
C ARG A 195 -12.98 7.59 -8.65
N TYR A 196 -12.27 7.69 -7.53
CA TYR A 196 -11.68 6.50 -6.91
C TYR A 196 -12.70 5.44 -6.51
N GLU A 197 -13.92 5.83 -6.13
CA GLU A 197 -14.94 4.84 -5.74
C GLU A 197 -15.33 3.90 -6.92
N ALA A 198 -15.31 4.41 -8.14
CA ALA A 198 -15.66 3.62 -9.32
C ALA A 198 -14.57 2.57 -9.55
N VAL A 199 -13.31 2.97 -9.36
CA VAL A 199 -12.21 2.03 -9.49
C VAL A 199 -12.26 1.00 -8.36
N GLN A 200 -12.55 1.48 -7.15
CA GLN A 200 -12.71 0.55 -6.01
C GLN A 200 -13.81 -0.52 -6.27
N LYS A 201 -14.90 -0.12 -6.91
CA LYS A 201 -16.02 -1.02 -7.23
C LYS A 201 -15.57 -2.16 -8.17
N ILE A 202 -14.72 -1.82 -9.15
CA ILE A 202 -14.16 -2.84 -10.07
C ILE A 202 -13.32 -3.90 -9.33
N TRP A 203 -12.39 -3.45 -8.50
CA TRP A 203 -11.52 -4.35 -7.73
C TRP A 203 -12.28 -5.14 -6.63
N ASP A 204 -13.36 -4.57 -6.09
CA ASP A 204 -14.30 -5.34 -5.23
C ASP A 204 -14.94 -6.56 -5.94
N ALA A 205 -15.42 -6.35 -7.18
CA ALA A 205 -15.91 -7.42 -8.06
C ALA A 205 -14.86 -8.49 -8.26
N VAL A 206 -13.65 -8.06 -8.58
CA VAL A 206 -12.51 -8.98 -8.78
C VAL A 206 -12.25 -9.79 -7.46
N ALA A 207 -12.25 -9.09 -6.31
CA ALA A 207 -12.04 -9.72 -5.00
C ALA A 207 -13.08 -10.81 -4.69
N ARG A 208 -14.35 -10.49 -4.88
CA ARG A 208 -15.44 -11.44 -4.63
C ARG A 208 -15.28 -12.73 -5.46
N GLU A 209 -14.92 -12.59 -6.73
CA GLU A 209 -14.88 -13.71 -7.67
C GLU A 209 -13.61 -14.55 -7.56
N THR A 210 -12.55 -13.96 -7.01
CA THR A 210 -11.25 -14.62 -6.88
C THR A 210 -10.95 -15.13 -5.47
N GLY A 211 -11.65 -14.62 -4.45
CA GLY A 211 -11.28 -14.89 -3.05
C GLY A 211 -10.05 -14.15 -2.50
N ILE A 212 -9.56 -13.15 -3.23
CA ILE A 212 -8.41 -12.30 -2.82
C ILE A 212 -8.90 -10.89 -2.46
N PRO A 213 -8.92 -10.57 -1.17
CA PRO A 213 -9.41 -9.23 -0.70
C PRO A 213 -8.67 -8.04 -1.33
N PRO A 214 -9.34 -6.89 -1.44
CA PRO A 214 -8.76 -5.71 -2.15
C PRO A 214 -7.36 -5.27 -1.70
N LEU A 215 -7.05 -5.31 -0.40
CA LEU A 215 -5.72 -4.87 0.05
C LEU A 215 -4.62 -5.89 -0.29
N HIS A 216 -4.99 -7.16 -0.56
CA HIS A 216 -4.04 -8.14 -1.07
C HIS A 216 -3.90 -8.02 -2.63
N LEU A 217 -5.01 -7.74 -3.33
CA LEU A 217 -4.95 -7.38 -4.77
C LEU A 217 -3.98 -6.21 -4.98
N ASP A 218 -4.01 -5.25 -4.04
CA ASP A 218 -3.11 -4.11 -4.12
C ASP A 218 -1.64 -4.55 -4.22
N THR A 219 -1.26 -5.55 -3.46
CA THR A 219 0.11 -6.06 -3.53
C THR A 219 0.46 -6.60 -4.94
N LEU A 220 -0.49 -7.34 -5.53
CA LEU A 220 -0.29 -7.87 -6.87
C LEU A 220 -0.08 -6.76 -7.90
N LEU A 221 -0.89 -5.71 -7.81
CA LEU A 221 -0.76 -4.55 -8.75
C LEU A 221 0.58 -3.82 -8.55
N TRP A 222 0.98 -3.61 -7.29
CA TRP A 222 2.21 -2.90 -7.01
C TRP A 222 3.44 -3.68 -7.50
N LEU A 223 3.44 -5.00 -7.28
CA LEU A 223 4.51 -5.86 -7.72
C LEU A 223 4.54 -5.93 -9.24
N ALA A 224 3.37 -6.08 -9.85
CA ALA A 224 3.27 -6.10 -11.29
C ALA A 224 3.72 -4.76 -11.94
N GLY A 225 3.32 -3.65 -11.31
CA GLY A 225 3.66 -2.31 -11.77
C GLY A 225 5.15 -2.06 -11.81
N ARG A 226 5.88 -2.63 -10.87
CA ARG A 226 7.30 -2.48 -10.84
C ARG A 226 7.92 -2.99 -12.16
N ALA A 227 7.39 -4.11 -12.66
CA ALA A 227 7.83 -4.72 -13.89
C ALA A 227 7.29 -4.05 -15.15
N VAL A 228 5.99 -3.73 -15.20
CA VAL A 228 5.37 -3.16 -16.41
C VAL A 228 5.84 -1.70 -16.66
N LEU A 229 5.78 -0.87 -15.61
CA LEU A 229 6.14 0.55 -15.74
C LEU A 229 7.66 0.80 -15.82
N TYR A 230 8.43 0.13 -14.97
CA TYR A 230 9.88 0.40 -14.81
C TYR A 230 10.84 -0.68 -15.33
N GLY A 231 10.33 -1.87 -15.64
CA GLY A 231 11.19 -2.99 -16.07
C GLY A 231 12.09 -3.57 -14.97
N GLU A 232 11.61 -3.49 -13.73
CA GLU A 232 12.35 -3.92 -12.55
C GLU A 232 11.59 -5.02 -11.80
N ASN A 233 12.37 -5.82 -11.03
CA ASN A 233 11.83 -6.95 -10.24
C ASN A 233 10.86 -7.77 -11.11
N LEU A 234 11.43 -8.30 -12.20
CA LEU A 234 10.70 -8.91 -13.31
C LEU A 234 10.03 -10.22 -12.92
N HIS A 235 10.40 -10.80 -11.77
CA HIS A 235 9.79 -12.04 -11.27
C HIS A 235 8.94 -11.84 -9.99
N GLY A 236 8.58 -10.57 -9.72
CA GLY A 236 7.76 -10.21 -8.55
C GLY A 236 6.41 -10.94 -8.48
N VAL A 237 5.80 -11.16 -9.65
CA VAL A 237 4.60 -11.98 -9.79
C VAL A 237 4.78 -12.91 -11.01
N PRO A 238 3.97 -13.94 -11.15
CA PRO A 238 3.99 -14.78 -12.37
C PRO A 238 3.84 -14.01 -13.70
N LYS A 239 4.45 -14.54 -14.77
CA LYS A 239 4.44 -13.91 -16.10
C LYS A 239 3.03 -13.55 -16.58
N GLU A 240 2.05 -14.41 -16.28
CA GLU A 240 0.70 -14.22 -16.80
C GLU A 240 -0.01 -13.06 -16.10
N VAL A 241 0.38 -12.75 -14.86
CA VAL A 241 -0.15 -11.62 -14.11
C VAL A 241 0.35 -10.31 -14.72
N ILE A 242 1.66 -10.23 -14.96
CA ILE A 242 2.24 -9.08 -15.64
C ILE A 242 1.52 -8.80 -16.97
N ALA A 243 1.31 -9.85 -17.77
CA ALA A 243 0.73 -9.74 -19.11
C ALA A 243 -0.65 -9.07 -19.08
N LEU A 244 -1.42 -9.28 -18.02
CA LEU A 244 -2.76 -8.66 -17.86
C LEU A 244 -2.74 -7.14 -17.99
N PHE A 245 -1.66 -6.53 -17.47
CA PHE A 245 -1.53 -5.06 -17.44
C PHE A 245 -0.75 -4.50 -18.63
N GLN A 246 -0.58 -5.31 -19.68
CA GLN A 246 0.09 -4.86 -20.91
C GLN A 246 -0.85 -4.86 -22.12
N TRP A 247 -2.16 -4.80 -21.83
CA TRP A 247 -3.19 -4.84 -22.86
C TRP A 247 -3.21 -3.56 -23.73
N ARG A 248 -3.15 -2.37 -23.12
CA ARG A 248 -3.11 -1.10 -23.89
C ARG A 248 -1.71 -0.71 -24.37
N GLY A 249 -1.67 0.00 -25.51
CA GLY A 249 -0.44 0.51 -26.15
C GLY A 249 0.17 1.49 -25.15
C GLY A 249 0.89 0.93 -25.55
N GLY A 250 1.49 1.44 -24.95
N GLY A 250 0.93 1.85 -24.59
CA GLY A 250 2.20 2.28 -23.96
C GLY A 250 2.54 1.60 -22.63
N CYS A 251 1.88 0.48 -22.34
CA CYS A 251 2.00 -0.18 -21.05
C CYS A 251 3.15 -1.18 -21.04
N ARG A 252 4.35 -0.65 -21.27
CA ARG A 252 5.62 -1.39 -21.35
C ARG A 252 6.71 -0.48 -20.78
N PRO A 253 7.84 -1.02 -20.31
CA PRO A 253 9.01 -0.18 -19.94
C PRO A 253 9.66 0.55 -21.11
N PRO A 254 10.33 1.67 -20.82
CA PRO A 254 11.25 2.26 -21.83
C PRO A 254 12.58 1.51 -21.83
#